data_7EZO
#
_entry.id   7EZO
#
_cell.length_a   70.199
_cell.length_b   70.199
_cell.length_c   106.879
_cell.angle_alpha   90.000
_cell.angle_beta   90.000
_cell.angle_gamma   90.000
#
_symmetry.space_group_name_H-M   'P 41'
#
loop_
_entity.id
_entity.type
_entity.pdbx_description
1 polymer endoxylanase/arabinofuranosidase
2 water water
#
_entity_poly.entity_id   1
_entity_poly.type   'polypeptide(L)'
_entity_poly.pdbx_seq_one_letter_code
;NNLKDAYADYFTIGCAVNMANFNSSQQIALITSNFNSITAENDMKPQPTQPAEGKWNWENADKIANFARAHKIGLRGHCL
VWHAQTGDWMFHDEKGDLVSKEVLFERMRTHIHTIVNRYKDVVYAWDVVNEAMTDDAKAEIPYRQSLYYKIAGDEFIKKA
FEYAHEADPKALLFYNDYNETNPAKRDRIYNMVKSMKAEGIPISGIGMQGHYNVLSPTEDEFRKALELYSQVVDNIHITE
LDVRINTREQGGQLSVNQEGKKLELTPEADAAQVAQYDMLFRVMRDYKHVISNVTFWNGYDGDSWLDRRWGNRQRNYPLL
FDENLLPKSSFSSYYKVL
;
_entity_poly.pdbx_strand_id   A
#
# COMPACT_ATOMS: atom_id res chain seq x y z
N ASN A 1 -6.98 24.37 -2.36
CA ASN A 1 -5.60 23.96 -2.10
C ASN A 1 -5.55 22.92 -0.98
N ASN A 2 -5.40 21.65 -1.36
CA ASN A 2 -5.64 20.59 -0.39
C ASN A 2 -4.38 20.04 0.25
N LEU A 3 -4.41 18.73 0.53
CA LEU A 3 -3.28 18.02 1.09
C LEU A 3 -2.11 17.96 0.13
N LYS A 4 -2.39 17.74 -1.16
CA LYS A 4 -1.31 17.54 -2.12
C LYS A 4 -0.46 18.80 -2.28
N ASP A 5 -1.09 19.99 -2.22
CA ASP A 5 -0.36 21.25 -2.34
C ASP A 5 0.40 21.60 -1.07
N ALA A 6 -0.23 21.43 0.10
CA ALA A 6 0.50 21.64 1.36
C ALA A 6 1.73 20.75 1.45
N TYR A 7 1.71 19.58 0.83
CA TYR A 7 2.79 18.59 0.99
C TYR A 7 3.64 18.46 -0.26
N ALA A 8 3.46 19.37 -1.23
CA ALA A 8 4.23 19.41 -2.46
C ALA A 8 5.74 19.22 -2.23
N ASP A 9 6.29 19.92 -1.24
CA ASP A 9 7.73 19.85 -0.97
C ASP A 9 8.13 18.58 -0.25
N TYR A 10 7.17 17.82 0.26
CA TYR A 10 7.44 16.70 1.14
C TYR A 10 7.22 15.36 0.46
N PHE A 11 6.02 15.11 -0.05
CA PHE A 11 5.72 13.86 -0.74
C PHE A 11 4.34 13.98 -1.36
N THR A 12 4.06 13.09 -2.30
CA THR A 12 2.72 12.96 -2.86
C THR A 12 1.70 12.54 -1.81
N ILE A 13 0.42 12.80 -2.09
CA ILE A 13 -0.69 12.37 -1.23
C ILE A 13 -1.70 11.60 -2.06
N GLY A 14 -1.99 10.37 -1.65
CA GLY A 14 -2.85 9.48 -2.41
C GLY A 14 -4.04 9.01 -1.59
N CYS A 15 -5.01 8.40 -2.29
CA CYS A 15 -6.08 7.66 -1.64
C CYS A 15 -6.41 6.43 -2.48
N ALA A 16 -6.96 5.41 -1.82
CA ALA A 16 -7.46 4.25 -2.55
C ALA A 16 -8.90 4.51 -3.01
N VAL A 17 -9.19 4.13 -4.26
CA VAL A 17 -10.46 4.47 -4.89
C VAL A 17 -11.12 3.19 -5.38
N ASN A 18 -12.45 3.22 -5.44
CA ASN A 18 -13.26 2.16 -6.03
C ASN A 18 -14.28 2.77 -6.98
N MET A 19 -15.07 1.89 -7.62
CA MET A 19 -16.05 2.31 -8.63
C MET A 19 -17.03 3.36 -8.12
N ALA A 20 -17.36 3.36 -6.83
CA ALA A 20 -18.25 4.38 -6.31
C ALA A 20 -17.55 5.72 -6.16
N ASN A 21 -16.28 5.72 -5.76
CA ASN A 21 -15.50 6.95 -5.81
C ASN A 21 -15.58 7.57 -7.19
N PHE A 22 -14.95 6.89 -8.17
CA PHE A 22 -14.85 7.36 -9.55
C PHE A 22 -16.24 7.52 -10.14
N ASN A 23 -17.28 7.48 -9.30
CA ASN A 23 -18.64 7.77 -9.74
C ASN A 23 -19.03 9.22 -9.53
N SER A 24 -19.49 9.54 -8.31
CA SER A 24 -20.22 10.77 -7.98
C SER A 24 -19.33 12.02 -7.96
N SER A 25 -19.96 13.15 -8.30
CA SER A 25 -19.23 14.39 -8.61
C SER A 25 -18.57 15.00 -7.39
N GLN A 26 -19.26 14.97 -6.24
CA GLN A 26 -18.68 15.54 -5.04
C GLN A 26 -17.46 14.73 -4.59
N GLN A 27 -17.51 13.41 -4.75
CA GLN A 27 -16.37 12.60 -4.37
C GLN A 27 -15.18 12.84 -5.31
N ILE A 28 -15.44 12.91 -6.61
CA ILE A 28 -14.35 13.18 -7.56
C ILE A 28 -13.74 14.54 -7.28
N ALA A 29 -14.56 15.53 -6.92
CA ALA A 29 -14.02 16.84 -6.58
C ALA A 29 -13.14 16.77 -5.34
N LEU A 30 -13.50 15.92 -4.37
CA LEU A 30 -12.65 15.75 -3.20
C LEU A 30 -11.29 15.16 -3.60
N ILE A 31 -11.27 14.11 -4.44
CA ILE A 31 -9.98 13.47 -4.70
C ILE A 31 -9.10 14.33 -5.63
N THR A 32 -9.68 15.05 -6.59
CA THR A 32 -8.87 15.86 -7.49
C THR A 32 -8.33 17.10 -6.79
N SER A 33 -9.12 17.63 -5.86
CA SER A 33 -8.69 18.76 -5.07
C SER A 33 -7.53 18.40 -4.14
N ASN A 34 -7.46 17.15 -3.67
CA ASN A 34 -6.57 16.83 -2.57
C ASN A 34 -5.47 15.80 -2.87
N PHE A 35 -5.56 15.03 -3.94
CA PHE A 35 -4.65 13.90 -4.10
C PHE A 35 -3.96 13.96 -5.46
N ASN A 36 -2.64 13.78 -5.47
CA ASN A 36 -1.89 13.66 -6.71
C ASN A 36 -1.38 12.25 -6.94
N SER A 37 -1.88 11.29 -6.18
CA SER A 37 -1.65 9.89 -6.43
C SER A 37 -2.94 9.17 -6.10
N ILE A 38 -3.09 7.97 -6.68
CA ILE A 38 -4.26 7.12 -6.48
C ILE A 38 -3.81 5.67 -6.48
N THR A 39 -4.50 4.84 -5.69
CA THR A 39 -4.34 3.38 -5.70
C THR A 39 -5.69 2.73 -5.93
N ALA A 40 -5.72 1.67 -6.73
CA ALA A 40 -6.97 0.93 -6.93
C ALA A 40 -7.23 0.06 -5.71
N GLU A 41 -8.37 0.29 -5.04
CA GLU A 41 -8.68 -0.41 -3.80
C GLU A 41 -8.76 -1.92 -3.98
N ASN A 42 -9.25 -2.38 -5.13
CA ASN A 42 -9.51 -3.79 -5.28
C ASN A 42 -9.34 -4.24 -6.71
N ASP A 43 -9.52 -3.32 -7.66
CA ASP A 43 -9.68 -3.76 -9.04
C ASP A 43 -8.35 -4.03 -9.76
N MET A 44 -7.21 -4.01 -9.08
CA MET A 44 -5.96 -4.40 -9.72
C MET A 44 -5.28 -5.57 -9.01
N LYS A 45 -5.93 -6.16 -8.00
CA LYS A 45 -5.37 -7.30 -7.30
C LYS A 45 -5.45 -8.55 -8.20
N PRO A 46 -4.80 -9.66 -7.80
CA PRO A 46 -4.68 -10.81 -8.72
C PRO A 46 -5.98 -11.56 -9.00
N GLN A 47 -6.76 -11.87 -7.96
CA GLN A 47 -8.02 -12.58 -8.19
C GLN A 47 -9.00 -11.71 -8.98
N PRO A 48 -9.16 -10.41 -8.66
CA PRO A 48 -10.06 -9.61 -9.51
C PRO A 48 -9.59 -9.48 -10.95
N THR A 49 -8.28 -9.44 -11.21
CA THR A 49 -7.90 -9.23 -12.60
C THR A 49 -7.74 -10.54 -13.37
N GLN A 50 -7.33 -11.62 -12.71
CA GLN A 50 -7.19 -12.91 -13.37
C GLN A 50 -7.91 -13.94 -12.53
N PRO A 51 -9.24 -13.91 -12.57
CA PRO A 51 -10.01 -14.88 -11.78
C PRO A 51 -9.85 -16.31 -12.26
N ALA A 52 -9.42 -16.50 -13.51
CA ALA A 52 -9.05 -17.82 -14.03
C ALA A 52 -7.92 -17.66 -15.02
N GLU A 53 -7.10 -18.70 -15.17
CA GLU A 53 -5.98 -18.64 -16.11
C GLU A 53 -6.46 -18.18 -17.49
N GLY A 54 -5.97 -17.02 -17.91
CA GLY A 54 -6.25 -16.52 -19.22
C GLY A 54 -7.56 -15.78 -19.34
N LYS A 55 -8.33 -15.65 -18.27
CA LYS A 55 -9.60 -14.92 -18.30
C LYS A 55 -9.40 -13.58 -17.59
N TRP A 56 -8.72 -12.68 -18.27
CA TRP A 56 -8.39 -11.39 -17.67
C TRP A 56 -9.66 -10.56 -17.57
N ASN A 57 -9.71 -9.66 -16.58
CA ASN A 57 -10.90 -8.90 -16.24
C ASN A 57 -10.47 -7.46 -16.03
N TRP A 58 -10.45 -6.67 -17.10
CA TRP A 58 -9.76 -5.38 -17.04
C TRP A 58 -10.67 -4.18 -16.79
N GLU A 59 -12.00 -4.37 -16.80
CA GLU A 59 -12.90 -3.24 -16.95
C GLU A 59 -12.70 -2.20 -15.85
N ASN A 60 -12.79 -2.61 -14.59
CA ASN A 60 -12.70 -1.64 -13.51
C ASN A 60 -11.30 -1.04 -13.42
N ALA A 61 -10.27 -1.84 -13.66
CA ALA A 61 -8.90 -1.34 -13.61
C ALA A 61 -8.63 -0.35 -14.75
N ASP A 62 -9.19 -0.62 -15.92
CA ASP A 62 -9.11 0.33 -17.02
C ASP A 62 -9.73 1.68 -16.66
N LYS A 63 -10.89 1.66 -15.99
CA LYS A 63 -11.53 2.93 -15.69
C LYS A 63 -10.67 3.75 -14.74
N ILE A 64 -10.08 3.08 -13.75
CA ILE A 64 -9.20 3.74 -12.78
C ILE A 64 -7.93 4.24 -13.47
N ALA A 65 -7.29 3.39 -14.28
CA ALA A 65 -6.12 3.84 -15.01
C ALA A 65 -6.44 4.99 -15.96
N ASN A 66 -7.59 4.94 -16.62
CA ASN A 66 -7.96 6.05 -17.50
C ASN A 66 -8.19 7.32 -16.71
N PHE A 67 -8.81 7.21 -15.54
CA PHE A 67 -8.91 8.34 -14.64
C PHE A 67 -7.53 8.92 -14.34
N ALA A 68 -6.55 8.05 -14.06
CA ALA A 68 -5.24 8.54 -13.66
C ALA A 68 -4.50 9.19 -14.84
N ARG A 69 -4.61 8.60 -16.04
CA ARG A 69 -4.03 9.20 -17.25
C ARG A 69 -4.65 10.56 -17.53
N ALA A 70 -5.96 10.59 -17.72
CA ALA A 70 -6.67 11.81 -18.08
C ALA A 70 -6.42 12.95 -17.08
N HIS A 71 -6.50 12.67 -15.78
CA HIS A 71 -6.49 13.71 -14.74
C HIS A 71 -5.08 14.00 -14.22
N LYS A 72 -4.03 13.43 -14.83
CA LYS A 72 -2.65 13.71 -14.43
C LYS A 72 -2.37 13.31 -12.98
N ILE A 73 -2.91 12.18 -12.56
CA ILE A 73 -2.75 11.66 -11.21
C ILE A 73 -1.90 10.40 -11.28
N GLY A 74 -0.84 10.33 -10.48
CA GLY A 74 -0.02 9.14 -10.43
C GLY A 74 -0.80 7.95 -9.89
N LEU A 75 -0.45 6.76 -10.35
CA LEU A 75 -1.18 5.56 -9.96
C LEU A 75 -0.24 4.55 -9.30
N ARG A 76 -0.52 4.20 -8.06
CA ARG A 76 0.17 3.08 -7.43
C ARG A 76 -0.51 1.78 -7.85
N GLY A 77 0.27 0.83 -8.37
CA GLY A 77 -0.27 -0.44 -8.82
C GLY A 77 -0.38 -1.40 -7.66
N HIS A 78 -1.59 -1.66 -7.16
CA HIS A 78 -1.74 -2.41 -5.92
C HIS A 78 -1.96 -3.89 -6.21
N CYS A 79 -0.86 -4.63 -6.16
CA CYS A 79 -0.76 -5.97 -5.61
C CYS A 79 -0.47 -6.95 -6.72
N LEU A 80 0.81 -7.21 -6.96
CA LEU A 80 1.17 -8.24 -7.93
C LEU A 80 1.07 -9.63 -7.32
N VAL A 81 1.66 -9.82 -6.14
CA VAL A 81 1.78 -11.15 -5.55
C VAL A 81 1.34 -11.07 -4.10
N TRP A 82 0.33 -11.86 -3.73
CA TRP A 82 -0.28 -11.78 -2.42
C TRP A 82 -0.90 -13.12 -2.08
N HIS A 83 -0.70 -13.59 -0.86
CA HIS A 83 -1.37 -14.82 -0.44
C HIS A 83 -2.89 -14.67 -0.44
N ALA A 84 -3.39 -13.43 -0.31
CA ALA A 84 -4.82 -13.15 -0.23
C ALA A 84 -5.32 -12.63 -1.57
N GLN A 85 -6.65 -12.62 -1.71
CA GLN A 85 -7.35 -12.13 -2.90
C GLN A 85 -6.64 -12.55 -4.18
N THR A 86 -6.31 -13.84 -4.22
CA THR A 86 -5.62 -14.47 -5.34
C THR A 86 -6.33 -15.77 -5.65
N GLY A 87 -6.56 -16.05 -6.93
CA GLY A 87 -7.16 -17.29 -7.34
C GLY A 87 -6.43 -18.53 -6.81
N ASP A 88 -7.18 -19.40 -6.12
CA ASP A 88 -6.63 -20.69 -5.72
C ASP A 88 -6.13 -21.50 -6.92
N TRP A 89 -6.59 -21.21 -8.13
CA TRP A 89 -6.09 -21.87 -9.33
C TRP A 89 -4.63 -21.58 -9.56
N MET A 90 -4.10 -20.52 -8.95
CA MET A 90 -2.70 -20.21 -9.19
C MET A 90 -1.78 -21.30 -8.67
N PHE A 91 -2.23 -22.06 -7.67
CA PHE A 91 -1.38 -23.01 -6.97
C PHE A 91 -1.76 -24.46 -7.16
N HIS A 92 -2.86 -24.75 -7.87
CA HIS A 92 -3.38 -26.13 -7.83
C HIS A 92 -4.58 -26.34 -8.69
N GLY A 96 -7.84 -31.01 -6.22
CA GLY A 96 -6.76 -30.27 -6.84
C GLY A 96 -5.45 -30.48 -6.14
N ASP A 97 -4.36 -30.56 -6.90
CA ASP A 97 -3.06 -30.82 -6.32
C ASP A 97 -2.12 -29.64 -6.52
N LEU A 98 -1.24 -29.44 -5.54
CA LEU A 98 -0.30 -28.33 -5.55
C LEU A 98 0.62 -28.41 -6.74
N VAL A 99 0.85 -27.25 -7.38
CA VAL A 99 1.74 -27.17 -8.54
C VAL A 99 3.19 -27.19 -8.08
N SER A 100 4.08 -27.50 -9.02
CA SER A 100 5.49 -27.37 -8.73
C SER A 100 5.90 -25.90 -8.73
N LYS A 101 7.04 -25.62 -8.07
CA LYS A 101 7.74 -24.34 -8.17
C LYS A 101 7.73 -23.78 -9.59
N GLU A 102 8.21 -24.58 -10.55
CA GLU A 102 8.33 -24.10 -11.92
C GLU A 102 7.00 -23.60 -12.44
N VAL A 103 5.93 -24.36 -12.20
CA VAL A 103 4.63 -23.99 -12.74
C VAL A 103 4.12 -22.74 -12.03
N LEU A 104 4.29 -22.68 -10.71
CA LEU A 104 3.93 -21.46 -10.01
C LEU A 104 4.65 -20.26 -10.60
N PHE A 105 5.95 -20.41 -10.88
CA PHE A 105 6.75 -19.31 -11.40
C PHE A 105 6.32 -18.92 -12.80
N GLU A 106 5.99 -19.89 -13.65
CA GLU A 106 5.47 -19.54 -14.96
C GLU A 106 4.14 -18.78 -14.81
N ARG A 107 3.24 -19.27 -13.95
CA ARG A 107 2.00 -18.55 -13.65
C ARG A 107 2.32 -17.15 -13.11
N MET A 108 3.27 -17.05 -12.20
CA MET A 108 3.59 -15.75 -11.63
C MET A 108 4.13 -14.80 -12.69
N ARG A 109 5.11 -15.25 -13.47
CA ARG A 109 5.70 -14.39 -14.48
C ARG A 109 4.64 -13.91 -15.47
N THR A 110 3.72 -14.79 -15.86
CA THR A 110 2.74 -14.40 -16.85
C THR A 110 1.76 -13.36 -16.29
N HIS A 111 1.37 -13.51 -15.03
CA HIS A 111 0.47 -12.54 -14.40
C HIS A 111 1.16 -11.19 -14.21
N ILE A 112 2.38 -11.20 -13.70
CA ILE A 112 3.11 -9.96 -13.45
C ILE A 112 3.34 -9.19 -14.74
N HIS A 113 3.82 -9.88 -15.77
CA HIS A 113 4.22 -9.21 -17.00
C HIS A 113 3.02 -8.73 -17.80
N THR A 114 1.89 -9.44 -17.70
CA THR A 114 0.73 -9.01 -18.47
C THR A 114 0.11 -7.73 -17.87
N ILE A 115 0.00 -7.64 -16.54
CA ILE A 115 -0.67 -6.48 -15.95
C ILE A 115 0.27 -5.29 -15.86
N VAL A 116 1.55 -5.51 -15.59
CA VAL A 116 2.46 -4.37 -15.55
C VAL A 116 2.57 -3.74 -16.93
N ASN A 117 2.56 -4.55 -17.97
CA ASN A 117 2.66 -3.96 -19.30
C ASN A 117 1.36 -3.25 -19.71
N ARG A 118 0.21 -3.69 -19.21
CA ARG A 118 -0.98 -2.92 -19.54
C ARG A 118 -0.96 -1.55 -18.88
N TYR A 119 -0.34 -1.40 -17.71
CA TYR A 119 -0.51 -0.15 -16.98
C TYR A 119 0.78 0.64 -16.73
N LYS A 120 1.93 0.15 -17.18
CA LYS A 120 3.19 0.85 -16.90
C LYS A 120 3.22 2.30 -17.43
N ASP A 121 2.33 2.70 -18.34
CA ASP A 121 2.33 4.12 -18.74
C ASP A 121 1.94 5.05 -17.59
N VAL A 122 0.97 4.67 -16.73
CA VAL A 122 0.57 5.50 -15.59
C VAL A 122 1.19 5.06 -14.29
N VAL A 123 1.43 3.75 -14.16
CA VAL A 123 1.84 3.24 -12.86
C VAL A 123 3.29 3.65 -12.62
N TYR A 124 3.53 4.40 -11.54
CA TYR A 124 4.88 4.77 -11.14
C TYR A 124 5.42 3.89 -10.03
N ALA A 125 4.57 3.18 -9.31
CA ALA A 125 5.04 2.27 -8.27
C ALA A 125 4.08 1.10 -8.13
N TRP A 126 4.63 -0.04 -7.75
CA TRP A 126 3.88 -1.27 -7.58
C TRP A 126 4.13 -1.82 -6.19
N ASP A 127 3.08 -2.34 -5.57
CA ASP A 127 3.24 -3.26 -4.45
C ASP A 127 3.44 -4.65 -5.07
N VAL A 128 4.69 -5.08 -5.15
CA VAL A 128 5.00 -6.31 -5.87
C VAL A 128 4.63 -7.51 -5.03
N VAL A 129 5.11 -7.56 -3.80
CA VAL A 129 4.80 -8.61 -2.85
C VAL A 129 4.10 -7.96 -1.67
N ASN A 130 3.02 -8.57 -1.22
CA ASN A 130 2.20 -8.03 -0.15
C ASN A 130 2.20 -9.01 1.02
N GLU A 131 2.58 -8.52 2.20
CA GLU A 131 2.26 -9.20 3.47
C GLU A 131 2.84 -10.61 3.56
N ALA A 132 4.14 -10.73 3.24
CA ALA A 132 4.81 -12.02 3.17
C ALA A 132 5.37 -12.52 4.50
N MET A 133 5.51 -11.66 5.50
CA MET A 133 6.08 -12.06 6.78
C MET A 133 4.97 -12.29 7.80
N THR A 134 5.30 -13.07 8.84
CA THR A 134 4.33 -13.56 9.83
C THR A 134 4.12 -12.55 10.94
N ASP A 135 2.97 -12.68 11.59
CA ASP A 135 2.69 -11.89 12.77
C ASP A 135 3.29 -12.59 13.98
N ASP A 136 3.68 -11.79 14.96
CA ASP A 136 4.99 -11.99 15.57
C ASP A 136 5.01 -13.02 16.69
N ALA A 137 6.02 -13.88 16.65
CA ALA A 137 6.16 -14.94 17.65
C ALA A 137 7.57 -15.50 17.73
CA LYS A 138 15.71 -15.93 16.36
C LYS A 138 15.83 -17.40 15.97
N ALA A 139 14.74 -17.97 15.42
CA ALA A 139 14.70 -19.39 15.13
C ALA A 139 13.68 -19.77 14.06
N GLU A 140 12.41 -19.90 14.45
CA GLU A 140 11.35 -20.36 13.56
C GLU A 140 11.18 -19.46 12.33
N ILE A 141 10.34 -19.86 11.39
CA ILE A 141 10.34 -19.26 10.05
C ILE A 141 9.81 -17.83 10.12
N PRO A 142 10.50 -16.87 9.52
CA PRO A 142 9.99 -15.49 9.52
C PRO A 142 8.85 -15.25 8.55
N TYR A 143 8.60 -16.17 7.64
CA TYR A 143 7.69 -15.97 6.52
C TYR A 143 6.29 -16.52 6.82
N ARG A 144 5.27 -15.75 6.43
CA ARG A 144 3.90 -16.26 6.47
C ARG A 144 3.81 -17.57 5.69
N GLN A 145 3.17 -18.57 6.29
CA GLN A 145 3.20 -19.92 5.72
C GLN A 145 2.04 -20.10 4.74
N SER A 146 2.05 -19.26 3.72
CA SER A 146 1.06 -19.37 2.68
C SER A 146 1.40 -20.53 1.76
N LEU A 147 0.52 -20.77 0.78
CA LEU A 147 0.83 -21.73 -0.26
C LEU A 147 2.05 -21.27 -1.05
N TYR A 148 2.15 -19.97 -1.34
CA TYR A 148 3.35 -19.43 -1.98
C TYR A 148 4.61 -19.88 -1.25
N TYR A 149 4.66 -19.70 0.07
CA TYR A 149 5.85 -20.12 0.81
C TYR A 149 5.99 -21.63 0.79
N LYS A 150 4.88 -22.35 1.06
CA LYS A 150 4.90 -23.82 1.05
C LYS A 150 5.51 -24.36 -0.24
N ILE A 151 5.21 -23.73 -1.37
CA ILE A 151 5.63 -24.31 -2.64
C ILE A 151 7.05 -23.92 -3.00
N ALA A 152 7.47 -22.71 -2.61
CA ALA A 152 8.66 -22.11 -3.18
C ALA A 152 9.56 -21.47 -2.14
N GLY A 153 9.28 -21.63 -0.85
CA GLY A 153 10.04 -20.98 0.19
C GLY A 153 10.16 -19.48 -0.03
N ASP A 154 11.32 -18.95 0.36
CA ASP A 154 11.73 -17.57 0.13
C ASP A 154 11.67 -17.17 -1.35
N GLU A 155 11.74 -18.14 -2.27
CA GLU A 155 12.12 -17.85 -3.65
C GLU A 155 11.04 -17.09 -4.43
N PHE A 156 9.76 -17.20 -4.04
CA PHE A 156 8.70 -16.49 -4.76
C PHE A 156 8.81 -14.98 -4.57
N ILE A 157 9.25 -14.54 -3.39
CA ILE A 157 9.53 -13.13 -3.17
C ILE A 157 10.62 -12.65 -4.12
N LYS A 158 11.70 -13.41 -4.26
CA LYS A 158 12.76 -13.00 -5.19
C LYS A 158 12.21 -12.92 -6.61
N LYS A 159 11.50 -13.96 -7.05
CA LYS A 159 11.04 -14.01 -8.43
C LYS A 159 10.09 -12.85 -8.74
N ALA A 160 9.11 -12.61 -7.87
CA ALA A 160 8.15 -11.53 -8.09
C ALA A 160 8.86 -10.21 -8.40
N PHE A 161 9.89 -9.84 -7.63
CA PHE A 161 10.53 -8.56 -7.91
C PHE A 161 11.27 -8.59 -9.24
N GLU A 162 11.87 -9.72 -9.58
CA GLU A 162 12.65 -9.79 -10.81
C GLU A 162 11.77 -9.75 -12.05
N TYR A 163 10.59 -10.39 -11.99
CA TYR A 163 9.64 -10.31 -13.10
C TYR A 163 9.08 -8.91 -13.24
N ALA A 164 8.74 -8.27 -12.12
CA ALA A 164 8.18 -6.92 -12.20
C ALA A 164 9.22 -5.96 -12.76
N HIS A 165 10.43 -5.98 -12.18
CA HIS A 165 11.51 -5.16 -12.71
C HIS A 165 11.76 -5.46 -14.17
N GLU A 166 11.67 -6.73 -14.55
CA GLU A 166 11.79 -7.13 -15.95
C GLU A 166 10.70 -6.51 -16.80
N ALA A 167 9.50 -6.33 -16.26
CA ALA A 167 8.37 -5.85 -17.06
C ALA A 167 8.32 -4.33 -17.18
N ASP A 168 8.76 -3.60 -16.15
CA ASP A 168 8.95 -2.16 -16.25
C ASP A 168 10.15 -1.75 -15.43
N PRO A 169 11.34 -1.63 -16.04
CA PRO A 169 12.55 -1.31 -15.28
C PRO A 169 12.55 0.07 -14.63
N LYS A 170 11.71 0.99 -15.09
CA LYS A 170 11.69 2.34 -14.54
C LYS A 170 10.68 2.53 -13.42
N ALA A 171 10.06 1.46 -12.93
CA ALA A 171 9.06 1.58 -11.88
C ALA A 171 9.70 1.31 -10.52
N LEU A 172 9.21 2.00 -9.50
CA LEU A 172 9.57 1.62 -8.15
C LEU A 172 8.79 0.38 -7.75
N LEU A 173 9.48 -0.57 -7.13
CA LEU A 173 8.92 -1.86 -6.71
C LEU A 173 8.98 -1.92 -5.19
N PHE A 174 7.82 -2.09 -4.56
CA PHE A 174 7.74 -2.00 -3.12
C PHE A 174 7.43 -3.36 -2.52
N TYR A 175 8.03 -3.64 -1.36
CA TYR A 175 7.53 -4.69 -0.48
C TYR A 175 6.58 -4.00 0.49
N ASN A 176 5.37 -4.56 0.63
CA ASN A 176 4.26 -3.92 1.34
C ASN A 176 3.79 -4.79 2.49
N ASP A 177 3.55 -4.17 3.67
CA ASP A 177 3.16 -4.95 4.84
C ASP A 177 2.49 -4.07 5.89
N TYR A 178 1.69 -4.72 6.75
CA TYR A 178 1.01 -4.11 7.89
C TYR A 178 1.69 -4.59 9.17
N ASN A 179 1.34 -3.98 10.31
CA ASN A 179 2.05 -4.20 11.54
C ASN A 179 3.53 -3.86 11.42
N GLU A 180 3.82 -2.85 10.60
CA GLU A 180 5.18 -2.50 10.18
C GLU A 180 5.99 -1.90 11.32
N THR A 181 5.34 -1.46 12.37
CA THR A 181 6.01 -0.87 13.52
C THR A 181 6.24 -1.88 14.63
N ASN A 182 5.58 -3.03 14.58
CA ASN A 182 5.79 -4.06 15.60
C ASN A 182 7.25 -4.51 15.53
N PRO A 183 7.97 -4.54 16.66
CA PRO A 183 9.44 -4.67 16.58
C PRO A 183 9.89 -5.99 16.04
N ALA A 184 9.26 -7.10 16.44
CA ALA A 184 9.64 -8.39 15.87
C ALA A 184 9.39 -8.43 14.38
N LYS A 185 8.23 -7.93 13.94
CA LYS A 185 7.94 -7.90 12.51
C LYS A 185 8.76 -6.84 11.80
N ARG A 186 8.97 -5.68 12.45
CA ARG A 186 9.84 -4.66 11.88
C ARG A 186 11.22 -5.24 11.57
N ASP A 187 11.83 -5.91 12.55
CA ASP A 187 13.15 -6.48 12.35
C ASP A 187 13.16 -7.49 11.21
N ARG A 188 12.11 -8.31 11.11
CA ARG A 188 12.08 -9.33 10.07
C ARG A 188 11.91 -8.72 8.67
N ILE A 189 11.10 -7.66 8.56
CA ILE A 189 10.97 -6.99 7.27
C ILE A 189 12.30 -6.39 6.86
N TYR A 190 13.03 -5.84 7.83
CA TYR A 190 14.33 -5.24 7.55
C TYR A 190 15.33 -6.29 7.03
N ASN A 191 15.48 -7.40 7.75
CA ASN A 191 16.42 -8.45 7.35
C ASN A 191 16.14 -8.97 5.95
N MET A 192 14.89 -9.36 5.69
CA MET A 192 14.56 -9.94 4.39
C MET A 192 14.86 -8.97 3.26
N VAL A 193 14.51 -7.69 3.44
CA VAL A 193 14.79 -6.69 2.41
C VAL A 193 16.29 -6.44 2.28
N LYS A 194 17.00 -6.40 3.41
CA LYS A 194 18.46 -6.28 3.37
C LYS A 194 19.09 -7.46 2.62
N SER A 195 18.66 -8.68 2.97
CA SER A 195 19.25 -9.87 2.37
C SER A 195 18.84 -10.03 0.92
N MET A 196 17.64 -9.59 0.57
CA MET A 196 17.24 -9.75 -0.81
C MET A 196 17.92 -8.70 -1.69
N LYS A 197 18.09 -7.48 -1.17
CA LYS A 197 18.82 -6.47 -1.93
C LYS A 197 20.28 -6.87 -2.10
N ALA A 198 20.83 -7.57 -1.10
CA ALA A 198 22.22 -8.03 -1.17
C ALA A 198 22.40 -9.08 -2.26
N GLU A 199 21.43 -9.99 -2.40
CA GLU A 199 21.43 -10.92 -3.51
C GLU A 199 21.04 -10.24 -4.82
N GLY A 200 20.90 -8.92 -4.83
CA GLY A 200 20.65 -8.18 -6.04
C GLY A 200 19.20 -8.02 -6.44
N ILE A 201 18.25 -8.58 -5.70
CA ILE A 201 16.86 -8.51 -6.20
C ILE A 201 16.38 -7.07 -6.13
N PRO A 202 15.66 -6.61 -7.12
CA PRO A 202 15.36 -5.18 -7.24
C PRO A 202 14.15 -4.74 -6.42
N ILE A 203 14.36 -4.61 -5.11
CA ILE A 203 13.35 -4.12 -4.19
C ILE A 203 13.60 -2.62 -4.02
N SER A 204 12.79 -1.80 -4.71
CA SER A 204 13.07 -0.36 -4.76
C SER A 204 12.76 0.32 -3.44
N GLY A 205 11.80 -0.20 -2.68
CA GLY A 205 11.35 0.50 -1.49
C GLY A 205 10.43 -0.35 -0.64
N ILE A 206 10.17 0.14 0.57
CA ILE A 206 9.38 -0.58 1.56
C ILE A 206 8.02 0.11 1.71
N GLY A 207 6.96 -0.68 1.74
CA GLY A 207 5.62 -0.16 1.92
C GLY A 207 5.09 -0.38 3.32
N MET A 208 4.89 0.69 4.07
CA MET A 208 4.32 0.64 5.40
C MET A 208 2.82 0.91 5.29
N GLN A 209 2.01 -0.04 5.70
CA GLN A 209 0.59 0.08 5.38
C GLN A 209 -0.09 1.17 6.21
N GLY A 210 0.37 1.43 7.43
CA GLY A 210 -0.24 2.47 8.26
C GLY A 210 -1.67 2.23 8.67
N HIS A 211 -2.09 0.98 8.84
CA HIS A 211 -3.41 0.72 9.43
C HIS A 211 -3.25 0.82 10.94
N TYR A 212 -3.22 2.06 11.40
CA TYR A 212 -2.90 2.44 12.76
C TYR A 212 -4.16 2.77 13.52
N ASN A 213 -3.99 3.14 14.78
CA ASN A 213 -5.12 3.61 15.57
C ASN A 213 -4.65 4.75 16.47
N VAL A 214 -5.61 5.27 17.23
CA VAL A 214 -5.44 6.52 17.95
C VAL A 214 -4.39 6.43 19.05
N LEU A 215 -4.12 5.23 19.56
CA LEU A 215 -3.01 5.05 20.48
C LEU A 215 -1.88 4.24 19.87
N SER A 216 -2.19 3.40 18.87
CA SER A 216 -1.27 2.61 18.07
C SER A 216 -0.20 3.54 17.53
N PRO A 217 0.75 3.02 16.78
CA PRO A 217 2.17 3.33 17.03
C PRO A 217 2.43 4.53 17.92
N THR A 218 3.18 4.31 18.99
CA THR A 218 3.83 5.44 19.64
C THR A 218 4.84 6.06 18.69
N GLU A 219 5.02 7.37 18.77
CA GLU A 219 5.95 8.00 17.84
C GLU A 219 7.37 7.48 18.03
N ASP A 220 7.68 6.87 19.17
CA ASP A 220 8.94 6.16 19.30
C ASP A 220 8.99 4.98 18.36
N GLU A 221 7.93 4.17 18.32
CA GLU A 221 7.88 3.00 17.44
C GLU A 221 7.85 3.42 15.98
N PHE A 222 6.99 4.38 15.65
CA PHE A 222 6.94 4.92 14.28
C PHE A 222 8.33 5.33 13.83
N ARG A 223 9.02 6.14 14.65
CA ARG A 223 10.34 6.64 14.28
C ARG A 223 11.36 5.51 14.17
N LYS A 224 11.30 4.54 15.09
CA LYS A 224 12.21 3.39 15.01
C LYS A 224 12.06 2.65 13.69
N ALA A 225 10.82 2.37 13.30
CA ALA A 225 10.57 1.69 12.03
C ALA A 225 11.10 2.51 10.85
N LEU A 226 10.84 3.81 10.86
CA LEU A 226 11.23 4.65 9.72
C LEU A 226 12.73 4.74 9.59
N GLU A 227 13.45 4.98 10.69
CA GLU A 227 14.91 5.03 10.60
C GLU A 227 15.45 3.67 10.17
N LEU A 228 14.98 2.59 10.80
CA LEU A 228 15.45 1.25 10.43
C LEU A 228 15.26 0.99 8.93
N TYR A 229 14.01 1.11 8.45
CA TYR A 229 13.70 0.90 7.04
C TYR A 229 14.50 1.83 6.15
N SER A 230 14.81 3.04 6.66
CA SER A 230 15.49 4.07 5.89
C SER A 230 16.93 3.67 5.56
N GLN A 231 17.56 2.86 6.39
CA GLN A 231 18.95 2.48 6.15
C GLN A 231 19.08 1.33 5.16
N VAL A 232 17.98 0.85 4.59
CA VAL A 232 18.02 -0.27 3.65
C VAL A 232 17.32 0.00 2.32
N VAL A 233 16.47 1.02 2.19
CA VAL A 233 15.87 1.37 0.90
C VAL A 233 15.90 2.88 0.76
N ASP A 234 15.99 3.35 -0.48
CA ASP A 234 15.96 4.79 -0.72
C ASP A 234 14.55 5.36 -0.81
N ASN A 235 13.51 4.54 -0.82
CA ASN A 235 12.14 5.02 -0.90
C ASN A 235 11.28 4.32 0.13
N ILE A 236 10.39 5.07 0.75
CA ILE A 236 9.37 4.52 1.64
C ILE A 236 8.05 5.13 1.23
N HIS A 237 7.01 4.30 1.18
CA HIS A 237 5.65 4.78 0.97
C HIS A 237 4.83 4.39 2.18
N ILE A 238 4.10 5.34 2.73
CA ILE A 238 3.02 5.03 3.66
C ILE A 238 1.80 4.81 2.78
N THR A 239 1.29 3.60 2.80
CA THR A 239 0.65 3.08 1.62
C THR A 239 -0.85 2.86 1.76
N GLU A 240 -1.37 2.66 2.98
CA GLU A 240 -2.80 2.43 3.23
C GLU A 240 -3.23 3.11 4.54
N LEU A 241 -2.87 4.38 4.70
CA LEU A 241 -2.97 5.02 6.01
C LEU A 241 -4.41 5.27 6.45
N ASP A 242 -4.74 4.78 7.64
CA ASP A 242 -5.93 5.17 8.38
C ASP A 242 -5.64 5.03 9.89
N VAL A 243 -6.31 5.80 10.72
CA VAL A 243 -6.15 5.66 12.16
C VAL A 243 -7.54 5.62 12.78
N ARG A 244 -7.99 4.41 13.11
CA ARG A 244 -9.29 4.18 13.72
C ARG A 244 -9.28 4.63 15.17
N ILE A 245 -10.46 4.97 15.68
CA ILE A 245 -10.56 5.49 17.04
C ILE A 245 -10.76 4.39 18.07
N ASN A 246 -10.66 3.12 17.66
CA ASN A 246 -11.07 1.98 18.47
C ASN A 246 -9.91 1.04 18.80
N THR A 247 -9.83 0.66 20.07
CA THR A 247 -8.85 -0.28 20.61
C THR A 247 -7.44 0.19 20.35
N LEU A 265 -17.85 8.77 18.10
CA LEU A 265 -18.24 10.02 17.45
C LEU A 265 -17.85 11.23 18.33
N THR A 266 -17.48 10.91 19.57
CA THR A 266 -17.48 11.85 20.66
C THR A 266 -16.40 12.91 20.48
N PRO A 267 -16.47 13.99 21.26
CA PRO A 267 -15.38 14.98 21.19
C PRO A 267 -14.05 14.46 21.69
N GLU A 268 -14.06 13.49 22.60
CA GLU A 268 -12.81 12.94 23.11
C GLU A 268 -12.09 12.13 22.02
N ALA A 269 -12.83 11.30 21.30
CA ALA A 269 -12.24 10.52 20.22
C ALA A 269 -11.57 11.42 19.19
N ASP A 270 -12.29 12.47 18.77
CA ASP A 270 -11.75 13.43 17.83
C ASP A 270 -10.42 14.01 18.29
N ALA A 271 -10.32 14.35 19.57
CA ALA A 271 -9.07 14.89 20.10
C ALA A 271 -7.96 13.86 20.03
N ALA A 272 -8.26 12.62 20.42
CA ALA A 272 -7.25 11.58 20.31
C ALA A 272 -6.79 11.40 18.87
N GLN A 273 -7.73 11.45 17.92
CA GLN A 273 -7.39 11.29 16.50
C GLN A 273 -6.57 12.45 15.99
N VAL A 274 -7.02 13.68 16.26
CA VAL A 274 -6.24 14.85 15.86
C VAL A 274 -4.81 14.72 16.38
N ALA A 275 -4.67 14.20 17.61
CA ALA A 275 -3.34 14.11 18.20
C ALA A 275 -2.46 13.09 17.48
N GLN A 276 -3.01 11.92 17.13
CA GLN A 276 -2.21 10.94 16.41
C GLN A 276 -1.79 11.45 15.04
N TYR A 277 -2.74 12.05 14.31
CA TYR A 277 -2.43 12.53 12.97
C TYR A 277 -1.35 13.61 13.01
N ASP A 278 -1.42 14.49 14.02
CA ASP A 278 -0.38 15.50 14.18
C ASP A 278 0.97 14.84 14.36
N MET A 279 1.08 13.86 15.26
CA MET A 279 2.36 13.20 15.42
C MET A 279 2.76 12.45 14.15
N LEU A 280 1.85 11.60 13.65
CA LEU A 280 2.15 10.76 12.50
C LEU A 280 2.71 11.60 11.35
N PHE A 281 2.05 12.72 11.03
CA PHE A 281 2.54 13.53 9.92
C PHE A 281 3.78 14.35 10.31
N ARG A 282 3.93 14.67 11.60
CA ARG A 282 5.16 15.29 12.09
C ARG A 282 6.38 14.44 11.77
N VAL A 283 6.36 13.16 12.18
CA VAL A 283 7.48 12.26 11.90
C VAL A 283 7.67 12.09 10.39
N MET A 284 6.57 11.97 9.65
CA MET A 284 6.68 11.71 8.21
C MET A 284 7.37 12.88 7.51
N ARG A 285 7.00 14.11 7.85
CA ARG A 285 7.73 15.27 7.36
C ARG A 285 9.19 15.22 7.77
N ASP A 286 9.48 14.76 8.98
CA ASP A 286 10.86 14.61 9.40
C ASP A 286 11.63 13.60 8.55
N TYR A 287 10.95 12.64 7.93
CA TYR A 287 11.64 11.67 7.08
C TYR A 287 11.28 11.89 5.61
N LYS A 288 11.01 13.15 5.23
CA LYS A 288 10.56 13.45 3.88
C LYS A 288 11.59 13.09 2.82
N HIS A 289 12.86 12.94 3.23
CA HIS A 289 13.84 12.50 2.27
C HIS A 289 13.78 11.00 1.99
N VAL A 290 13.11 10.17 2.79
CA VAL A 290 12.83 8.80 2.37
C VAL A 290 11.40 8.66 1.84
N ILE A 291 10.42 9.34 2.41
CA ILE A 291 9.01 9.13 2.07
C ILE A 291 8.65 9.88 0.78
N SER A 292 8.36 9.13 -0.29
CA SER A 292 7.88 9.69 -1.54
C SER A 292 6.37 9.87 -1.59
N ASN A 293 5.62 9.03 -0.87
CA ASN A 293 4.17 8.94 -0.99
C ASN A 293 3.54 8.58 0.35
N VAL A 294 2.43 9.25 0.65
CA VAL A 294 1.55 8.95 1.77
C VAL A 294 0.15 8.74 1.20
N THR A 295 -0.32 7.49 1.18
CA THR A 295 -1.65 7.19 0.64
C THR A 295 -2.56 6.68 1.76
N PHE A 296 -3.80 7.17 1.76
CA PHE A 296 -4.84 6.76 2.68
C PHE A 296 -5.66 5.62 2.08
N TRP A 297 -6.22 4.78 2.96
CA TRP A 297 -6.78 3.56 2.38
C TRP A 297 -8.19 3.68 1.82
N ASN A 298 -9.03 4.63 2.24
CA ASN A 298 -10.22 4.88 1.39
C ASN A 298 -10.37 6.39 1.20
N GLY A 299 -11.60 6.84 0.98
CA GLY A 299 -11.80 8.20 0.51
C GLY A 299 -12.27 9.10 1.64
N TYR A 300 -13.37 8.69 2.27
CA TYR A 300 -14.02 9.46 3.30
C TYR A 300 -14.49 8.48 4.37
N ASP A 301 -14.84 9.02 5.53
CA ASP A 301 -15.29 8.14 6.62
C ASP A 301 -16.42 7.23 6.15
N GLY A 302 -17.27 7.72 5.25
CA GLY A 302 -18.39 6.94 4.79
C GLY A 302 -18.05 5.80 3.84
N ASP A 303 -16.85 5.76 3.25
CA ASP A 303 -16.48 4.59 2.44
C ASP A 303 -15.23 3.87 2.96
N SER A 304 -14.85 4.10 4.22
CA SER A 304 -13.74 3.39 4.84
C SER A 304 -14.04 1.89 4.97
N TRP A 305 -13.04 1.06 4.63
CA TRP A 305 -13.22 -0.38 4.70
C TRP A 305 -13.53 -0.85 6.11
N LEU A 306 -13.13 -0.11 7.13
CA LEU A 306 -13.45 -0.53 8.48
C LEU A 306 -14.92 -0.31 8.84
N ASP A 307 -15.67 0.42 8.03
CA ASP A 307 -17.03 0.78 8.39
C ASP A 307 -17.00 1.98 9.34
N GLN A 314 -20.66 3.49 10.37
CA GLN A 314 -19.50 4.33 10.68
C GLN A 314 -19.20 4.36 12.18
N ARG A 315 -18.26 3.52 12.60
CA ARG A 315 -17.86 3.36 13.99
C ARG A 315 -16.39 3.69 14.25
N ASN A 316 -15.52 3.59 13.24
CA ASN A 316 -14.09 3.83 13.44
C ASN A 316 -13.61 5.21 13.04
N TYR A 317 -14.35 5.93 12.19
CA TYR A 317 -14.08 7.30 11.77
C TYR A 317 -12.58 7.52 11.50
N PRO A 318 -11.99 6.78 10.54
CA PRO A 318 -10.54 6.71 10.48
C PRO A 318 -9.84 7.82 9.69
N LEU A 319 -10.53 8.51 8.78
CA LEU A 319 -9.87 9.31 7.77
C LEU A 319 -9.93 10.81 8.09
N LEU A 320 -9.57 11.66 7.13
CA LEU A 320 -9.56 13.09 7.33
C LEU A 320 -10.79 13.79 6.80
N PHE A 321 -11.68 13.07 6.12
CA PHE A 321 -12.93 13.61 5.60
C PHE A 321 -14.07 12.78 6.18
N ASP A 322 -15.17 13.44 6.50
CA ASP A 322 -16.19 12.77 7.30
C ASP A 322 -17.21 12.12 6.37
N GLU A 323 -18.31 11.64 6.96
CA GLU A 323 -19.35 10.94 6.20
C GLU A 323 -19.96 11.80 5.11
N ASN A 324 -19.87 13.13 5.24
CA ASN A 324 -20.41 14.02 4.23
C ASN A 324 -19.32 14.68 3.38
N LEU A 325 -18.14 14.04 3.31
CA LEU A 325 -16.96 14.53 2.59
C LEU A 325 -16.34 15.76 3.23
N LEU A 326 -16.79 16.18 4.48
CA LEU A 326 -16.25 17.43 5.01
C LEU A 326 -14.94 17.19 5.76
N PRO A 327 -14.02 18.16 5.73
CA PRO A 327 -12.75 17.98 6.45
C PRO A 327 -12.98 17.87 7.95
N LYS A 328 -12.31 16.90 8.56
CA LYS A 328 -12.31 16.68 9.99
C LYS A 328 -11.33 17.63 10.68
N SER A 329 -11.42 17.65 12.02
CA SER A 329 -10.44 18.37 12.80
C SER A 329 -9.01 17.93 12.48
N SER A 330 -8.81 16.67 12.12
CA SER A 330 -7.44 16.22 11.87
C SER A 330 -6.94 16.69 10.50
N PHE A 331 -7.85 16.90 9.54
CA PHE A 331 -7.45 17.53 8.27
C PHE A 331 -6.77 18.88 8.51
N SER A 332 -7.43 19.78 9.24
CA SER A 332 -6.82 21.09 9.45
C SER A 332 -5.52 20.99 10.26
N SER A 333 -5.42 20.05 11.21
CA SER A 333 -4.19 19.93 11.99
C SER A 333 -3.02 19.44 11.15
N TYR A 334 -3.26 18.47 10.27
CA TYR A 334 -2.19 18.00 9.40
C TYR A 334 -1.88 19.00 8.31
N TYR A 335 -2.83 19.88 7.97
CA TYR A 335 -2.65 20.80 6.85
C TYR A 335 -1.92 22.07 7.24
N LYS A 336 -1.99 22.48 8.50
CA LYS A 336 -1.37 23.71 8.96
C LYS A 336 -0.18 23.35 9.85
N VAL A 337 1.03 23.37 9.28
CA VAL A 337 2.28 23.14 9.98
C VAL A 337 3.28 24.21 9.55
N LEU A 338 4.25 24.46 10.44
CA LEU A 338 5.31 25.45 10.21
C LEU A 338 4.77 26.87 10.12
#